data_4NFR
#
_entry.id   4NFR
#
_cell.length_a   147.736
_cell.length_b   147.736
_cell.length_c   102.738
_cell.angle_alpha   90.00
_cell.angle_beta   90.00
_cell.angle_gamma   90.00
#
_symmetry.space_group_name_H-M   'P 42 21 2'
#
loop_
_entity.id
_entity.type
_entity.pdbx_description
1 polymer Aspartoacylase
2 non-polymer 'N-[HYDROXY(METHYL)PHOSPHORYL]-L-ASPARTIC ACID'
3 non-polymer 'ZINC ION'
4 water water
#
_entity_poly.entity_id   1
_entity_poly.type   'polypeptide(L)'
_entity_poly.pdbx_seq_one_letter_code
;MTSCHIAEEHIQKVAIFGGTHGNELTGVFLVKHWLENGAEIQRTGLEVKPFITNPRAVKKCTRYIDCDLNRIFDLENLGK
KMSEDLPYEVRRAQEINHLFGPKDSEDSYDIIFDLHNTTSNMGCTLILEDSRNNFLIQMFHYIKTSLAPLPCYVYLIEHP
SLKYATTRSIAKYPVGIEVGPQPQGVLRADILDQMRKMIKHALDFIHHFNEGKEFPPCAIEVYKIIEKVDYPRDENGEIA
AIIHPNLQDQDWKPLHPGDPMFLTLDGKTIPLGGDCTVYPVFVNAAAYYEKKEAFAKTTKLTLNAKSIRCCLH
;
_entity_poly.pdbx_strand_id   A,B
#
loop_
_chem_comp.id
_chem_comp.type
_chem_comp.name
_chem_comp.formula
ZN non-polymer 'ZINC ION' 'Zn 2'
#
# COMPACT_ATOMS: atom_id res chain seq x y z
N HIS A 10 -31.58 -16.09 20.84
CA HIS A 10 -30.39 -16.13 21.76
C HIS A 10 -29.46 -14.93 21.50
N ILE A 11 -29.10 -14.70 20.23
CA ILE A 11 -28.19 -13.60 19.85
C ILE A 11 -28.96 -12.32 19.52
N GLN A 12 -28.63 -11.24 20.20
CA GLN A 12 -29.42 -10.03 20.14
C GLN A 12 -28.64 -8.83 19.63
N LYS A 13 -27.55 -8.51 20.32
CA LYS A 13 -26.76 -7.32 20.00
C LYS A 13 -25.56 -7.70 19.15
N VAL A 14 -25.53 -7.17 17.93
CA VAL A 14 -24.40 -7.38 17.01
C VAL A 14 -23.92 -6.03 16.51
N ALA A 15 -22.60 -5.85 16.43
CA ALA A 15 -22.01 -4.60 15.93
C ALA A 15 -20.99 -4.88 14.85
N ILE A 16 -20.73 -3.88 14.02
CA ILE A 16 -19.72 -3.96 12.97
C ILE A 16 -18.81 -2.76 13.07
N PHE A 17 -17.53 -3.03 13.23
CA PHE A 17 -16.55 -1.99 13.45
C PHE A 17 -15.77 -1.74 12.18
N GLY A 18 -15.66 -0.47 11.82
CA GLY A 18 -14.78 -0.06 10.75
C GLY A 18 -13.87 1.02 11.27
N GLY A 19 -12.74 1.21 10.60
CA GLY A 19 -11.83 2.27 10.93
C GLY A 19 -11.09 2.08 12.24
N THR A 20 -10.91 0.83 12.66
CA THR A 20 -10.06 0.53 13.81
C THR A 20 -8.61 0.98 13.49
N HIS A 21 -8.21 0.81 12.24
CA HIS A 21 -7.06 1.51 11.70
C HIS A 21 -7.52 2.40 10.55
N GLY A 22 -7.11 3.66 10.57
CA GLY A 22 -7.74 4.67 9.74
C GLY A 22 -7.36 4.63 8.28
N ASN A 23 -6.31 3.89 7.94
CA ASN A 23 -5.90 3.74 6.55
C ASN A 23 -6.38 2.44 5.89
N GLU A 24 -7.23 1.69 6.59
CA GLU A 24 -7.83 0.46 6.06
C GLU A 24 -9.26 0.77 5.66
N LEU A 25 -9.40 1.25 4.42
CA LEU A 25 -10.60 1.96 3.95
C LEU A 25 -11.85 1.11 3.69
N THR A 26 -11.69 -0.16 3.32
CA THR A 26 -12.85 -0.96 2.97
C THR A 26 -13.87 -0.92 4.13
N GLY A 27 -13.40 -1.12 5.35
CA GLY A 27 -14.28 -1.06 6.52
C GLY A 27 -14.91 0.30 6.71
N VAL A 28 -14.10 1.34 6.54
CA VAL A 28 -14.56 2.72 6.67
C VAL A 28 -15.70 3.02 5.71
N PHE A 29 -15.52 2.61 4.46
CA PHE A 29 -16.50 2.89 3.42
C PHE A 29 -17.79 2.13 3.63
N LEU A 30 -17.68 0.84 3.91
CA LEU A 30 -18.87 0.04 4.14
C LEU A 30 -19.66 0.57 5.32
N VAL A 31 -18.96 0.90 6.40
CA VAL A 31 -19.62 1.35 7.63
C VAL A 31 -20.31 2.67 7.41
N LYS A 32 -19.61 3.63 6.82
CA LYS A 32 -20.20 4.93 6.50
C LYS A 32 -21.45 4.80 5.61
N HIS A 33 -21.35 3.96 4.59
CA HIS A 33 -22.49 3.68 3.70
C HIS A 33 -23.68 3.09 4.46
N TRP A 34 -23.39 2.20 5.41
CA TRP A 34 -24.45 1.55 6.16
C TRP A 34 -25.03 2.42 7.27
N LEU A 35 -24.28 3.40 7.75
CA LEU A 35 -24.83 4.34 8.71
C LEU A 35 -25.94 5.17 8.04
N GLU A 36 -25.73 5.54 6.78
CA GLU A 36 -26.74 6.25 6.02
C GLU A 36 -27.85 5.32 5.60
N ASN A 37 -27.48 4.14 5.11
CA ASN A 37 -28.49 3.14 4.83
C ASN A 37 -28.01 1.71 5.08
N GLY A 38 -28.42 1.16 6.22
CA GLY A 38 -27.96 -0.14 6.66
C GLY A 38 -28.96 -1.26 6.42
N ALA A 39 -29.76 -1.14 5.38
CA ALA A 39 -30.74 -2.18 5.07
C ALA A 39 -30.05 -3.48 4.68
N GLU A 40 -28.91 -3.35 4.01
CA GLU A 40 -28.11 -4.50 3.60
C GLU A 40 -27.75 -5.44 4.75
N ILE A 41 -27.49 -4.87 5.92
CA ILE A 41 -27.01 -5.64 7.04
C ILE A 41 -28.12 -5.94 8.03
N GLN A 42 -29.32 -5.44 7.79
CA GLN A 42 -30.42 -5.71 8.68
C GLN A 42 -31.03 -7.06 8.37
N ARG A 43 -31.20 -7.85 9.41
CA ARG A 43 -31.88 -9.13 9.31
C ARG A 43 -33.03 -9.15 10.31
N THR A 44 -34.08 -9.88 9.94
CA THR A 44 -35.27 -9.98 10.75
C THR A 44 -34.97 -10.44 12.18
N GLY A 45 -35.57 -9.75 13.16
CA GLY A 45 -35.36 -10.07 14.58
C GLY A 45 -33.93 -9.93 15.06
N LEU A 46 -33.21 -8.99 14.45
CA LEU A 46 -31.77 -8.83 14.70
C LEU A 46 -31.31 -7.40 14.46
N GLU A 47 -30.81 -6.76 15.52
CA GLU A 47 -30.31 -5.39 15.41
C GLU A 47 -28.78 -5.35 15.37
N VAL A 48 -28.26 -5.00 14.17
CA VAL A 48 -26.83 -4.85 13.95
C VAL A 48 -26.48 -3.38 13.80
N LYS A 49 -25.45 -2.94 14.52
CA LYS A 49 -25.07 -1.55 14.56
C LYS A 49 -23.68 -1.32 13.97
N PRO A 50 -23.59 -0.65 12.81
CA PRO A 50 -22.30 -0.21 12.30
C PRO A 50 -21.75 0.99 13.08
N PHE A 51 -20.43 1.07 13.12
CA PHE A 51 -19.77 2.02 14.00
C PHE A 51 -18.30 2.22 13.64
N ILE A 52 -17.91 3.48 13.51
CA ILE A 52 -16.51 3.80 13.28
C ILE A 52 -15.79 3.88 14.61
N THR A 53 -14.76 3.06 14.76
CA THR A 53 -14.06 2.96 16.03
C THR A 53 -13.03 4.06 16.22
N ASN A 54 -12.25 4.38 15.19
CA ASN A 54 -11.20 5.40 15.32
C ASN A 54 -11.35 6.56 14.33
N PRO A 55 -12.38 7.43 14.53
CA PRO A 55 -12.70 8.48 13.57
C PRO A 55 -11.57 9.46 13.32
N ARG A 56 -10.75 9.69 14.33
CA ARG A 56 -9.64 10.65 14.23
C ARG A 56 -8.60 10.15 13.23
N ALA A 57 -8.28 8.87 13.31
CA ALA A 57 -7.26 8.25 12.45
C ALA A 57 -7.78 8.06 11.03
N VAL A 58 -9.09 7.85 10.89
CA VAL A 58 -9.75 7.85 9.59
C VAL A 58 -9.63 9.23 8.93
N LYS A 59 -9.95 10.28 9.68
CA LYS A 59 -9.79 11.67 9.22
C LYS A 59 -8.42 11.92 8.59
N LYS A 60 -7.37 11.49 9.27
CA LYS A 60 -6.02 11.69 8.76
C LYS A 60 -5.57 10.63 7.75
N CYS A 61 -6.41 9.63 7.51
CA CYS A 61 -6.00 8.41 6.78
C CYS A 61 -4.63 7.90 7.27
N THR A 62 -4.61 7.44 8.52
CA THR A 62 -3.42 6.96 9.18
C THR A 62 -3.80 5.75 10.03
N ARG A 63 -2.82 4.93 10.38
CA ARG A 63 -3.08 3.72 11.14
C ARG A 63 -3.63 4.06 12.53
N TYR A 64 -2.91 4.92 13.25
CA TYR A 64 -3.35 5.40 14.55
C TYR A 64 -2.77 6.76 14.84
N ILE A 65 -3.29 7.41 15.88
CA ILE A 65 -2.88 8.75 16.26
C ILE A 65 -1.72 8.68 17.24
N ASP A 66 -1.97 8.11 18.42
CA ASP A 66 -0.94 8.03 19.47
C ASP A 66 -0.45 6.61 19.64
N CYS A 67 -1.38 5.65 19.76
CA CYS A 67 -1.02 4.22 19.84
C CYS A 67 -2.08 3.32 19.19
N ASP A 68 -1.71 2.10 18.84
CA ASP A 68 -2.59 1.20 18.09
C ASP A 68 -3.84 0.83 18.89
N LEU A 69 -5.01 1.21 18.35
CA LEU A 69 -6.29 0.99 19.03
C LEU A 69 -6.59 -0.49 19.28
N ASN A 70 -6.05 -1.34 18.43
CA ASN A 70 -6.42 -2.76 18.40
C ASN A 70 -5.55 -3.64 19.31
N ARG A 71 -4.78 -3.01 20.20
CA ARG A 71 -3.93 -3.72 21.11
C ARG A 71 -4.14 -3.35 22.58
N ILE A 72 -5.14 -2.52 22.87
CA ILE A 72 -5.23 -1.88 24.18
C ILE A 72 -6.55 -2.11 24.91
N PHE A 73 -7.36 -3.06 24.45
CA PHE A 73 -8.62 -3.37 25.15
C PHE A 73 -8.42 -4.39 26.28
N ASP A 74 -7.53 -4.05 27.22
CA ASP A 74 -7.22 -4.90 28.35
C ASP A 74 -7.38 -4.09 29.65
N LEU A 75 -7.14 -4.74 30.78
CA LEU A 75 -7.25 -4.10 32.09
C LEU A 75 -6.21 -3.01 32.30
N GLU A 76 -5.01 -3.21 31.77
CA GLU A 76 -3.97 -2.21 31.89
C GLU A 76 -4.47 -0.84 31.44
N ASN A 77 -5.25 -0.82 30.35
CA ASN A 77 -5.64 0.43 29.68
C ASN A 77 -7.07 0.86 29.90
N LEU A 78 -7.99 -0.10 29.91
CA LEU A 78 -9.40 0.19 30.12
C LEU A 78 -9.72 0.55 31.56
N GLY A 79 -8.79 0.30 32.47
CA GLY A 79 -8.96 0.65 33.88
C GLY A 79 -8.32 1.95 34.30
N LYS A 80 -7.67 2.64 33.36
CA LYS A 80 -7.03 3.92 33.68
C LYS A 80 -8.07 5.00 33.93
N LYS A 81 -7.69 6.02 34.68
CA LYS A 81 -8.59 7.09 35.04
C LYS A 81 -8.72 8.00 33.83
N MET A 82 -9.95 8.18 33.35
CA MET A 82 -10.22 9.07 32.24
C MET A 82 -9.63 10.48 32.45
N SER A 83 -8.98 11.01 31.42
CA SER A 83 -8.42 12.35 31.44
C SER A 83 -8.01 12.74 30.00
N GLU A 84 -7.86 14.04 29.75
CA GLU A 84 -7.46 14.55 28.44
C GLU A 84 -5.95 14.40 28.18
N ASP A 85 -5.20 13.94 29.19
CA ASP A 85 -3.75 13.71 29.07
C ASP A 85 -3.43 12.30 28.57
N LEU A 86 -4.45 11.45 28.51
CA LEU A 86 -4.29 10.10 27.97
C LEU A 86 -4.11 10.14 26.45
N PRO A 87 -3.39 9.17 25.90
CA PRO A 87 -3.34 9.02 24.45
C PRO A 87 -4.74 8.92 23.86
N TYR A 88 -4.93 9.48 22.67
CA TYR A 88 -6.28 9.56 22.10
C TYR A 88 -6.98 8.20 22.07
N GLU A 89 -6.27 7.17 21.61
CA GLU A 89 -6.86 5.83 21.46
C GLU A 89 -7.28 5.19 22.77
N VAL A 90 -6.59 5.53 23.85
CA VAL A 90 -6.95 5.02 25.17
C VAL A 90 -8.29 5.61 25.62
N ARG A 91 -8.44 6.92 25.47
CA ARG A 91 -9.73 7.59 25.70
C ARG A 91 -10.82 6.92 24.88
N ARG A 92 -10.51 6.70 23.60
CA ARG A 92 -11.47 6.16 22.66
C ARG A 92 -11.85 4.73 23.04
N ALA A 93 -10.84 3.92 23.35
CA ALA A 93 -11.05 2.53 23.79
C ALA A 93 -12.06 2.47 24.92
N GLN A 94 -11.92 3.36 25.89
CA GLN A 94 -12.85 3.40 27.00
C GLN A 94 -14.24 3.72 26.49
N GLU A 95 -14.38 4.77 25.67
CA GLU A 95 -15.70 5.19 25.18
C GLU A 95 -16.42 4.05 24.48
N ILE A 96 -15.64 3.23 23.77
CA ILE A 96 -16.18 2.08 23.04
C ILE A 96 -16.57 0.96 24.00
N ASN A 97 -15.72 0.68 24.97
CA ASN A 97 -16.01 -0.33 25.98
C ASN A 97 -17.30 0.00 26.71
N HIS A 98 -17.52 1.29 26.93
CA HIS A 98 -18.74 1.75 27.61
C HIS A 98 -19.96 1.67 26.71
N LEU A 99 -19.75 1.76 25.40
CA LEU A 99 -20.86 1.64 24.44
C LEU A 99 -21.24 0.19 24.24
N PHE A 100 -20.27 -0.59 23.80
CA PHE A 100 -20.55 -1.95 23.33
C PHE A 100 -20.25 -3.03 24.37
N GLY A 101 -19.61 -2.63 25.47
CA GLY A 101 -19.27 -3.55 26.53
C GLY A 101 -20.18 -3.34 27.72
N PRO A 102 -19.61 -3.29 28.94
CA PRO A 102 -18.20 -3.50 29.29
C PRO A 102 -17.73 -4.91 28.96
N LYS A 103 -16.41 -5.07 28.83
CA LYS A 103 -15.82 -6.35 28.50
C LYS A 103 -15.90 -7.27 29.72
N ASP A 104 -15.98 -8.58 29.47
CA ASP A 104 -16.17 -9.61 30.52
C ASP A 104 -17.53 -9.50 31.24
N SER A 105 -18.38 -8.58 30.79
CA SER A 105 -19.74 -8.41 31.32
C SER A 105 -20.79 -9.14 30.47
N GLU A 106 -21.97 -9.31 31.05
CA GLU A 106 -23.08 -9.97 30.37
C GLU A 106 -23.96 -8.94 29.68
N ASP A 107 -23.65 -7.67 29.86
CA ASP A 107 -24.34 -6.59 29.17
C ASP A 107 -23.59 -6.17 27.92
N SER A 108 -22.41 -6.78 27.70
CA SER A 108 -21.67 -6.57 26.48
C SER A 108 -22.45 -7.09 25.27
N TYR A 109 -22.15 -6.51 24.11
CA TYR A 109 -22.67 -7.04 22.84
C TYR A 109 -22.34 -8.52 22.73
N ASP A 110 -23.19 -9.24 22.00
CA ASP A 110 -23.02 -10.67 21.83
C ASP A 110 -21.94 -10.93 20.79
N ILE A 111 -22.04 -10.29 19.63
CA ILE A 111 -21.09 -10.49 18.54
C ILE A 111 -20.60 -9.17 17.99
N ILE A 112 -19.31 -9.08 17.70
CA ILE A 112 -18.74 -7.91 17.05
C ILE A 112 -17.86 -8.35 15.89
N PHE A 113 -18.10 -7.77 14.73
CA PHE A 113 -17.21 -7.95 13.59
C PHE A 113 -16.32 -6.74 13.48
N ASP A 114 -15.01 -6.96 13.44
CA ASP A 114 -14.06 -5.87 13.30
C ASP A 114 -13.41 -6.05 11.94
N LEU A 115 -13.53 -5.04 11.10
CA LEU A 115 -13.12 -5.11 9.70
C LEU A 115 -11.72 -4.55 9.47
N HIS A 116 -10.96 -5.22 8.62
CA HIS A 116 -9.57 -4.92 8.42
C HIS A 116 -9.12 -5.20 7.00
N ASN A 117 -8.04 -4.53 6.61
CA ASN A 117 -7.40 -4.77 5.34
C ASN A 117 -5.92 -5.00 5.58
N THR A 118 -5.31 -5.81 4.73
CA THR A 118 -3.86 -6.00 4.76
C THR A 118 -3.31 -5.87 3.35
N THR A 119 -2.03 -5.54 3.26
CA THR A 119 -1.34 -5.52 1.98
C THR A 119 -0.94 -6.93 1.57
N SER A 120 -1.01 -7.86 2.51
CA SER A 120 -0.58 -9.24 2.28
C SER A 120 -1.59 -9.98 1.45
N ASN A 121 -1.10 -10.82 0.55
CA ASN A 121 -1.96 -11.51 -0.41
C ASN A 121 -2.70 -12.67 0.25
N MET A 122 -3.69 -12.36 1.08
CA MET A 122 -4.34 -13.35 1.94
C MET A 122 -5.81 -13.65 1.61
N GLY A 123 -6.43 -12.81 0.80
CA GLY A 123 -7.84 -12.94 0.47
C GLY A 123 -8.72 -12.88 1.69
N CYS A 124 -9.86 -13.55 1.61
CA CYS A 124 -10.82 -13.54 2.69
C CYS A 124 -10.29 -14.33 3.89
N THR A 125 -10.16 -13.65 5.02
CA THR A 125 -9.60 -14.23 6.21
C THR A 125 -10.50 -13.99 7.41
N LEU A 126 -10.74 -15.06 8.17
CA LEU A 126 -11.47 -14.99 9.42
C LEU A 126 -10.49 -15.20 10.54
N ILE A 127 -10.70 -14.50 11.64
CA ILE A 127 -9.78 -14.52 12.76
C ILE A 127 -10.46 -15.04 14.01
N LEU A 128 -9.92 -16.12 14.55
CA LEU A 128 -10.51 -16.87 15.64
C LEU A 128 -9.66 -16.73 16.88
N GLU A 129 -10.26 -16.29 17.98
CA GLU A 129 -9.53 -16.07 19.23
C GLU A 129 -9.62 -17.24 20.21
N ASP A 130 -10.66 -18.07 20.11
CA ASP A 130 -10.84 -19.24 20.96
C ASP A 130 -11.07 -20.51 20.13
N SER A 131 -10.18 -21.48 20.25
CA SER A 131 -10.22 -22.71 19.47
C SER A 131 -11.29 -23.68 19.94
N ARG A 132 -11.74 -23.53 21.18
CA ARG A 132 -12.72 -24.45 21.76
C ARG A 132 -14.16 -23.91 21.62
N ASN A 133 -14.33 -22.79 20.92
CA ASN A 133 -15.65 -22.21 20.73
C ASN A 133 -16.44 -22.87 19.60
N ASN A 134 -17.52 -23.57 19.95
CA ASN A 134 -18.33 -24.24 18.95
C ASN A 134 -19.13 -23.27 18.08
N PHE A 135 -19.69 -22.23 18.70
CA PHE A 135 -20.51 -21.26 17.97
C PHE A 135 -19.73 -20.62 16.82
N LEU A 136 -18.52 -20.15 17.11
CA LEU A 136 -17.74 -19.44 16.11
C LEU A 136 -17.28 -20.37 15.00
N ILE A 137 -16.81 -21.54 15.39
CA ILE A 137 -16.36 -22.53 14.41
C ILE A 137 -17.49 -22.82 13.43
N GLN A 138 -18.68 -23.05 13.94
CA GLN A 138 -19.82 -23.31 13.09
C GLN A 138 -20.11 -22.13 12.16
N MET A 139 -20.00 -20.91 12.67
CA MET A 139 -20.17 -19.73 11.82
C MET A 139 -19.12 -19.74 10.74
N PHE A 140 -17.87 -19.88 11.16
CA PHE A 140 -16.74 -19.85 10.23
C PHE A 140 -16.87 -20.95 9.19
N HIS A 141 -17.40 -22.10 9.60
CA HIS A 141 -17.63 -23.17 8.64
C HIS A 141 -18.65 -22.70 7.60
N TYR A 142 -19.77 -22.20 8.06
CA TYR A 142 -20.82 -21.72 7.17
C TYR A 142 -20.29 -20.74 6.15
N ILE A 143 -19.54 -19.74 6.63
CA ILE A 143 -19.03 -18.69 5.76
C ILE A 143 -18.08 -19.28 4.73
N LYS A 144 -17.09 -20.04 5.21
CA LYS A 144 -16.12 -20.76 4.36
C LYS A 144 -16.81 -21.51 3.21
N THR A 145 -17.74 -22.39 3.57
CA THR A 145 -18.45 -23.19 2.59
C THR A 145 -19.29 -22.29 1.67
N SER A 146 -19.98 -21.29 2.22
CA SER A 146 -20.85 -20.42 1.41
C SER A 146 -20.09 -19.62 0.37
N LEU A 147 -18.84 -19.28 0.66
CA LEU A 147 -18.02 -18.49 -0.25
C LEU A 147 -17.48 -19.30 -1.42
N ALA A 148 -17.25 -20.59 -1.19
CA ALA A 148 -16.69 -21.49 -2.20
C ALA A 148 -17.31 -21.22 -3.58
N PRO A 149 -16.50 -21.25 -4.66
CA PRO A 149 -15.10 -21.68 -4.75
C PRO A 149 -14.09 -20.57 -4.40
N LEU A 150 -14.61 -19.43 -3.96
CA LEU A 150 -13.78 -18.35 -3.44
C LEU A 150 -13.13 -18.83 -2.16
N PRO A 151 -11.80 -18.77 -2.10
CA PRO A 151 -11.12 -19.30 -0.92
C PRO A 151 -11.35 -18.40 0.28
N CYS A 152 -11.40 -19.02 1.47
CA CYS A 152 -11.55 -18.31 2.73
C CYS A 152 -10.74 -19.06 3.79
N TYR A 153 -9.84 -18.37 4.47
CA TYR A 153 -8.97 -19.03 5.44
C TYR A 153 -9.28 -18.60 6.87
N VAL A 154 -8.87 -19.44 7.81
CA VAL A 154 -9.07 -19.14 9.23
C VAL A 154 -7.73 -19.15 9.95
N TYR A 155 -7.53 -18.11 10.76
CA TYR A 155 -6.27 -17.83 11.39
C TYR A 155 -6.53 -17.80 12.89
N LEU A 156 -5.87 -18.70 13.63
CA LEU A 156 -6.11 -18.86 15.06
C LEU A 156 -5.02 -18.17 15.87
N ILE A 157 -5.42 -17.27 16.76
CA ILE A 157 -4.50 -16.47 17.57
C ILE A 157 -4.37 -16.96 19.00
N GLU A 158 -5.04 -18.05 19.34
CA GLU A 158 -4.83 -18.68 20.64
C GLU A 158 -3.35 -18.96 20.84
N HIS A 159 -2.86 -18.62 22.02
CA HIS A 159 -1.47 -18.86 22.34
C HIS A 159 -1.29 -18.71 23.83
N PRO A 160 -0.51 -19.62 24.45
CA PRO A 160 -0.24 -19.44 25.87
C PRO A 160 0.59 -18.19 26.19
N SER A 161 1.70 -18.00 25.47
CA SER A 161 2.58 -16.85 25.69
C SER A 161 2.41 -15.72 24.66
N LEU A 162 1.17 -15.46 24.25
CA LEU A 162 0.87 -14.28 23.44
C LEU A 162 -0.40 -13.66 24.00
N LYS A 163 -0.63 -12.41 23.62
CA LYS A 163 -1.86 -11.72 23.92
C LYS A 163 -2.36 -11.11 22.61
N TYR A 164 -3.55 -10.53 22.68
CA TYR A 164 -3.99 -9.52 21.71
C TYR A 164 -5.32 -8.97 22.21
N ALA A 165 -5.29 -7.84 22.93
CA ALA A 165 -6.50 -7.21 23.47
C ALA A 165 -7.16 -6.35 22.41
N THR A 166 -7.88 -7.03 21.53
CA THR A 166 -8.41 -6.42 20.33
C THR A 166 -9.72 -5.71 20.57
N THR A 167 -10.06 -4.85 19.63
CA THR A 167 -11.28 -4.06 19.69
C THR A 167 -12.49 -4.95 19.87
N ARG A 168 -12.61 -5.93 18.99
CA ARG A 168 -13.74 -6.86 19.00
C ARG A 168 -13.81 -7.71 20.26
N SER A 169 -12.70 -7.82 21.01
CA SER A 169 -12.61 -8.75 22.15
C SER A 169 -13.62 -8.44 23.25
N ILE A 170 -14.22 -7.26 23.20
CA ILE A 170 -15.30 -6.87 24.11
C ILE A 170 -16.50 -7.85 24.07
N ALA A 171 -16.75 -8.44 22.91
CA ALA A 171 -17.92 -9.30 22.72
C ALA A 171 -17.79 -10.67 23.38
N LYS A 172 -18.93 -11.35 23.58
CA LYS A 172 -18.93 -12.75 23.95
C LYS A 172 -18.23 -13.52 22.85
N TYR A 173 -18.61 -13.18 21.61
CA TYR A 173 -18.06 -13.81 20.41
C TYR A 173 -17.38 -12.74 19.53
N PRO A 174 -16.07 -12.53 19.72
CA PRO A 174 -15.35 -11.61 18.85
C PRO A 174 -15.01 -12.24 17.49
N VAL A 175 -15.39 -11.58 16.40
CA VAL A 175 -15.04 -12.05 15.05
C VAL A 175 -14.18 -11.02 14.32
N GLY A 176 -13.04 -11.47 13.79
CA GLY A 176 -12.16 -10.62 13.02
C GLY A 176 -12.27 -10.95 11.53
N ILE A 177 -12.25 -9.90 10.70
CA ILE A 177 -12.41 -10.03 9.26
C ILE A 177 -11.33 -9.23 8.55
N GLU A 178 -10.60 -9.89 7.67
CA GLU A 178 -9.42 -9.32 7.05
C GLU A 178 -9.38 -9.73 5.59
N VAL A 179 -9.19 -8.75 4.71
CA VAL A 179 -9.16 -9.00 3.28
C VAL A 179 -7.95 -8.30 2.68
N GLY A 180 -7.12 -9.08 1.99
CA GLY A 180 -6.01 -8.54 1.23
C GLY A 180 -5.92 -9.21 -0.12
N PRO A 181 -5.01 -8.74 -0.97
CA PRO A 181 -4.11 -7.60 -0.76
C PRO A 181 -4.70 -6.27 -1.21
N GLN A 182 -4.64 -5.28 -0.32
CA GLN A 182 -5.01 -3.89 -0.65
C GLN A 182 -4.00 -2.97 -0.02
N PRO A 183 -3.49 -1.98 -0.79
CA PRO A 183 -2.61 -1.02 -0.14
C PRO A 183 -3.34 -0.19 0.90
N GLN A 184 -2.58 0.40 1.81
CA GLN A 184 -3.16 1.34 2.75
C GLN A 184 -3.54 2.63 2.01
N GLY A 185 -4.65 3.23 2.42
CA GLY A 185 -5.13 4.46 1.82
C GLY A 185 -5.60 4.27 0.39
N VAL A 186 -6.06 3.06 0.10
CA VAL A 186 -6.54 2.68 -1.21
C VAL A 186 -7.79 1.82 -1.07
N LEU A 187 -8.79 2.10 -1.88
CA LEU A 187 -10.06 1.42 -1.86
C LEU A 187 -10.31 0.70 -3.21
N ARG A 188 -10.10 -0.60 -3.18
CA ARG A 188 -10.30 -1.44 -4.35
C ARG A 188 -11.70 -2.03 -4.29
N ALA A 189 -12.33 -2.16 -5.47
CA ALA A 189 -13.69 -2.68 -5.59
C ALA A 189 -13.79 -4.16 -5.26
N ASP A 190 -12.94 -4.98 -5.88
CA ASP A 190 -12.95 -6.43 -5.65
C ASP A 190 -12.83 -6.80 -4.17
N ILE A 191 -11.92 -6.13 -3.47
CA ILE A 191 -11.68 -6.35 -2.03
C ILE A 191 -12.92 -5.98 -1.23
N LEU A 192 -13.49 -4.82 -1.56
CA LEU A 192 -14.77 -4.39 -0.99
C LEU A 192 -15.83 -5.46 -1.18
N ASP A 193 -16.01 -5.89 -2.43
CA ASP A 193 -17.03 -6.89 -2.72
C ASP A 193 -16.84 -8.17 -1.89
N GLN A 194 -15.59 -8.60 -1.74
CA GLN A 194 -15.26 -9.81 -0.96
C GLN A 194 -15.64 -9.70 0.50
N MET A 195 -15.40 -8.53 1.10
CA MET A 195 -15.75 -8.30 2.49
C MET A 195 -17.26 -8.26 2.67
N ARG A 196 -17.96 -7.65 1.72
CA ARG A 196 -19.42 -7.65 1.72
C ARG A 196 -20.01 -9.04 1.79
N LYS A 197 -19.51 -9.92 0.93
CA LYS A 197 -19.99 -11.28 0.88
C LYS A 197 -19.70 -12.04 2.16
N MET A 198 -18.52 -11.81 2.72
CA MET A 198 -18.14 -12.35 4.03
C MET A 198 -19.15 -11.95 5.09
N ILE A 199 -19.53 -10.68 5.11
CA ILE A 199 -20.47 -10.18 6.09
C ILE A 199 -21.82 -10.84 5.89
N LYS A 200 -22.33 -10.80 4.66
CA LYS A 200 -23.68 -11.26 4.37
C LYS A 200 -23.90 -12.68 4.88
N HIS A 201 -22.93 -13.56 4.62
CA HIS A 201 -23.01 -14.94 5.06
C HIS A 201 -22.88 -15.07 6.58
N ALA A 202 -22.06 -14.21 7.19
CA ALA A 202 -21.94 -14.18 8.65
C ALA A 202 -23.26 -13.75 9.32
N LEU A 203 -23.94 -12.79 8.73
CA LEU A 203 -25.24 -12.37 9.22
C LEU A 203 -26.31 -13.43 8.92
N ASP A 204 -26.27 -13.98 7.70
CA ASP A 204 -27.18 -15.08 7.33
C ASP A 204 -27.09 -16.21 8.36
N PHE A 205 -25.87 -16.57 8.75
CA PHE A 205 -25.67 -17.64 9.73
C PHE A 205 -26.36 -17.33 11.05
N ILE A 206 -26.17 -16.10 11.54
CA ILE A 206 -26.78 -15.68 12.81
C ILE A 206 -28.30 -15.77 12.72
N HIS A 207 -28.86 -15.30 11.61
CA HIS A 207 -30.30 -15.37 11.39
C HIS A 207 -30.80 -16.81 11.35
N HIS A 208 -30.16 -17.64 10.53
CA HIS A 208 -30.43 -19.08 10.48
C HIS A 208 -30.42 -19.70 11.87
N PHE A 209 -29.49 -19.25 12.71
CA PHE A 209 -29.34 -19.75 14.08
C PHE A 209 -30.46 -19.27 15.02
N ASN A 210 -30.82 -17.98 14.90
CA ASN A 210 -31.92 -17.39 15.68
C ASN A 210 -33.31 -17.85 15.24
N GLU A 211 -33.43 -18.36 14.01
CA GLU A 211 -34.64 -19.07 13.58
C GLU A 211 -34.56 -20.54 14.01
N GLY A 212 -33.56 -20.86 14.83
CA GLY A 212 -33.45 -22.15 15.49
C GLY A 212 -33.03 -23.30 14.61
N LYS A 213 -32.29 -23.02 13.54
CA LYS A 213 -31.73 -24.10 12.70
C LYS A 213 -30.71 -24.90 13.52
N GLU A 214 -30.66 -26.21 13.28
CA GLU A 214 -29.71 -27.08 13.95
C GLU A 214 -28.57 -27.38 12.99
N PHE A 215 -27.35 -27.13 13.44
CA PHE A 215 -26.18 -27.40 12.65
C PHE A 215 -25.54 -28.70 13.12
N PRO A 216 -25.20 -29.60 12.19
CA PRO A 216 -24.53 -30.83 12.56
C PRO A 216 -23.10 -30.53 12.96
N PRO A 217 -22.42 -31.49 13.63
CA PRO A 217 -21.01 -31.26 13.89
C PRO A 217 -20.23 -31.01 12.60
N CYS A 218 -19.11 -30.31 12.71
CA CYS A 218 -18.29 -29.98 11.54
C CYS A 218 -16.81 -29.90 11.91
N ALA A 219 -15.96 -29.82 10.89
CA ALA A 219 -14.53 -29.67 11.06
C ALA A 219 -13.98 -28.65 10.06
N ILE A 220 -13.00 -27.86 10.51
CA ILE A 220 -12.36 -26.82 9.69
C ILE A 220 -10.86 -26.77 9.92
N GLU A 221 -10.11 -26.49 8.86
CA GLU A 221 -8.69 -26.24 9.01
C GLU A 221 -8.50 -24.82 9.46
N VAL A 222 -7.69 -24.64 10.50
CA VAL A 222 -7.25 -23.31 10.93
C VAL A 222 -5.74 -23.25 10.86
N TYR A 223 -5.20 -22.06 11.00
CA TYR A 223 -3.75 -21.87 11.00
C TYR A 223 -3.38 -21.20 12.29
N LYS A 224 -2.63 -21.93 13.12
CA LYS A 224 -2.33 -21.51 14.48
C LYS A 224 -1.01 -20.78 14.45
N ILE A 225 -1.02 -19.54 14.89
CA ILE A 225 0.21 -18.79 15.02
C ILE A 225 1.12 -19.48 16.03
N ILE A 226 2.40 -19.53 15.71
CA ILE A 226 3.42 -20.04 16.62
C ILE A 226 4.46 -18.97 16.96
N GLU A 227 4.86 -18.19 15.97
CA GLU A 227 5.75 -17.05 16.23
C GLU A 227 5.76 -16.10 15.04
N LYS A 228 6.38 -14.94 15.26
CA LYS A 228 6.56 -13.93 14.23
C LYS A 228 8.04 -13.82 13.88
N VAL A 229 8.33 -13.85 12.58
CA VAL A 229 9.70 -13.84 12.08
C VAL A 229 10.17 -12.42 11.82
N ASP A 230 11.34 -12.09 12.34
CA ASP A 230 11.91 -10.77 12.14
C ASP A 230 12.69 -10.78 10.84
N TYR A 231 12.79 -9.61 10.21
CA TYR A 231 13.72 -9.41 9.11
C TYR A 231 15.15 -9.54 9.68
N PRO A 232 16.06 -10.18 8.94
CA PRO A 232 17.45 -10.08 9.38
C PRO A 232 17.90 -8.63 9.38
N ARG A 233 18.66 -8.24 10.39
CA ARG A 233 19.03 -6.84 10.57
C ARG A 233 20.50 -6.54 10.23
N ASP A 234 20.84 -5.27 10.39
CA ASP A 234 22.12 -4.65 10.10
C ASP A 234 22.92 -4.78 11.37
N GLU A 235 24.17 -4.31 11.34
CA GLU A 235 24.92 -4.04 12.58
C GLU A 235 24.45 -2.78 13.31
N ASN A 236 23.73 -1.90 12.61
CA ASN A 236 23.07 -0.75 13.23
C ASN A 236 21.69 -1.07 13.74
N GLY A 237 21.04 -2.09 13.16
CA GLY A 237 19.67 -2.47 13.51
C GLY A 237 18.64 -2.25 12.39
N GLU A 238 19.11 -1.79 11.24
CA GLU A 238 18.26 -1.63 10.04
C GLU A 238 18.08 -2.94 9.29
N ILE A 239 16.98 -3.05 8.53
CA ILE A 239 16.65 -4.28 7.79
C ILE A 239 17.69 -4.58 6.71
N ALA A 240 18.02 -5.87 6.56
CA ALA A 240 19.15 -6.30 5.74
C ALA A 240 18.76 -7.16 4.54
N ALA A 241 17.59 -7.77 4.58
CA ALA A 241 17.08 -8.58 3.47
C ALA A 241 15.58 -8.41 3.33
N ILE A 242 15.04 -8.96 2.25
CA ILE A 242 13.63 -8.75 1.89
C ILE A 242 12.99 -10.07 1.47
N ILE A 243 11.67 -10.15 1.61
CA ILE A 243 10.95 -11.36 1.24
C ILE A 243 11.35 -11.85 -0.15
N HIS A 244 11.87 -13.07 -0.19
CA HIS A 244 12.33 -13.68 -1.42
C HIS A 244 11.18 -13.83 -2.43
N PRO A 245 11.45 -13.57 -3.72
CA PRO A 245 10.43 -13.57 -4.77
C PRO A 245 9.47 -14.75 -4.72
N ASN A 246 9.98 -15.91 -4.35
CA ASN A 246 9.21 -17.15 -4.31
C ASN A 246 8.31 -17.24 -3.10
N LEU A 247 8.54 -16.38 -2.12
CA LEU A 247 7.68 -16.29 -0.95
C LEU A 247 6.65 -15.16 -1.08
N GLN A 248 7.01 -14.11 -1.82
CA GLN A 248 6.08 -13.01 -2.08
C GLN A 248 4.73 -13.54 -2.53
N ASP A 249 3.66 -13.05 -1.90
CA ASP A 249 2.29 -13.36 -2.31
C ASP A 249 1.89 -14.84 -2.10
N GLN A 250 2.73 -15.64 -1.44
CA GLN A 250 2.46 -17.06 -1.26
C GLN A 250 1.96 -17.33 0.15
N ASP A 251 1.05 -16.48 0.64
CA ASP A 251 0.48 -16.65 1.97
C ASP A 251 -0.28 -17.97 2.00
N TRP A 252 -0.31 -18.61 3.16
CA TRP A 252 -1.08 -19.86 3.38
C TRP A 252 -0.44 -21.10 2.77
N LYS A 253 0.48 -20.94 1.82
CA LYS A 253 1.05 -22.09 1.13
C LYS A 253 2.25 -22.62 1.90
N PRO A 254 2.50 -23.94 1.79
CA PRO A 254 3.46 -24.59 2.68
C PRO A 254 4.89 -24.22 2.32
N LEU A 255 5.71 -24.00 3.34
CA LEU A 255 7.12 -23.63 3.17
C LEU A 255 8.01 -24.59 3.97
N HIS A 256 8.87 -25.33 3.24
CA HIS A 256 9.67 -26.39 3.84
C HIS A 256 11.07 -25.88 4.14
N PRO A 257 11.72 -26.40 5.20
CA PRO A 257 13.05 -25.98 5.66
C PRO A 257 14.13 -25.71 4.59
N GLY A 258 14.07 -26.42 3.48
CA GLY A 258 14.96 -26.13 2.35
C GLY A 258 14.70 -24.77 1.73
N ASP A 259 13.42 -24.44 1.58
CA ASP A 259 12.95 -23.34 0.72
C ASP A 259 13.47 -21.92 1.04
N PRO A 260 13.56 -21.06 0.00
CA PRO A 260 14.07 -19.69 0.12
C PRO A 260 13.10 -18.78 0.89
N MET A 261 13.66 -17.91 1.71
CA MET A 261 12.88 -17.08 2.64
C MET A 261 13.13 -15.60 2.36
N PHE A 262 14.39 -15.19 2.50
CA PHE A 262 14.80 -13.80 2.30
C PHE A 262 15.77 -13.68 1.14
N LEU A 263 16.18 -12.45 0.87
CA LEU A 263 17.13 -12.15 -0.19
C LEU A 263 17.83 -10.83 0.13
N THR A 264 19.16 -10.85 0.13
CA THR A 264 19.95 -9.64 0.32
C THR A 264 20.09 -8.94 -1.02
N LEU A 265 20.49 -7.67 -1.00
CA LEU A 265 20.64 -6.92 -2.25
C LEU A 265 21.82 -7.41 -3.07
N ASP A 266 22.61 -8.32 -2.49
CA ASP A 266 23.81 -8.83 -3.11
C ASP A 266 23.46 -10.01 -4.00
N GLY A 267 22.49 -10.80 -3.58
CA GLY A 267 22.10 -11.99 -4.30
C GLY A 267 21.85 -13.17 -3.38
N LYS A 268 22.51 -13.19 -2.22
CA LYS A 268 22.48 -14.37 -1.37
C LYS A 268 21.08 -14.61 -0.84
N THR A 269 20.59 -15.84 -1.01
CA THR A 269 19.32 -16.29 -0.45
C THR A 269 19.54 -16.81 0.97
N ILE A 270 18.54 -16.62 1.82
CA ILE A 270 18.56 -17.14 3.18
C ILE A 270 17.38 -18.11 3.29
N PRO A 271 17.65 -19.42 3.44
CA PRO A 271 16.55 -20.37 3.40
C PRO A 271 15.90 -20.52 4.77
N LEU A 272 14.85 -21.34 4.83
CA LEU A 272 13.97 -21.38 6.00
C LEU A 272 14.65 -21.87 7.30
N GLY A 273 15.13 -23.11 7.29
CA GLY A 273 15.67 -23.73 8.50
C GLY A 273 14.58 -24.34 9.38
N GLY A 274 14.93 -24.65 10.62
CA GLY A 274 14.01 -25.39 11.46
C GLY A 274 13.91 -26.79 10.89
N ASP A 275 13.01 -27.60 11.44
CA ASP A 275 12.92 -29.02 11.09
C ASP A 275 11.54 -29.46 10.58
N CYS A 276 10.64 -28.51 10.33
CA CYS A 276 9.27 -28.84 9.90
C CYS A 276 8.70 -27.82 8.90
N THR A 277 7.66 -28.26 8.18
CA THR A 277 6.93 -27.39 7.26
C THR A 277 6.16 -26.36 8.07
N VAL A 278 6.19 -25.11 7.60
CA VAL A 278 5.35 -24.06 8.19
C VAL A 278 4.54 -23.36 7.11
N TYR A 279 3.50 -22.69 7.58
CA TYR A 279 2.62 -21.91 6.71
C TYR A 279 2.77 -20.44 7.09
N PRO A 280 3.35 -19.64 6.17
CA PRO A 280 3.53 -18.22 6.44
C PRO A 280 2.25 -17.44 6.13
N VAL A 281 1.94 -16.48 6.99
CA VAL A 281 0.82 -15.57 6.75
C VAL A 281 1.29 -14.16 7.03
N PHE A 282 0.52 -13.18 6.55
CA PHE A 282 0.90 -11.77 6.65
C PHE A 282 2.29 -11.55 6.06
N VAL A 283 2.52 -12.18 4.90
CA VAL A 283 3.79 -12.07 4.20
C VAL A 283 3.98 -10.64 3.71
N ASN A 284 5.10 -10.02 4.08
CA ASN A 284 5.42 -8.65 3.67
C ASN A 284 4.29 -7.65 3.96
N ALA A 285 3.61 -7.85 5.09
CA ALA A 285 2.56 -6.95 5.51
C ALA A 285 3.22 -5.63 5.89
N ALA A 286 2.54 -4.53 5.53
CA ALA A 286 3.04 -3.18 5.80
C ALA A 286 3.09 -2.93 7.29
N ALA A 287 2.05 -3.37 7.98
CA ALA A 287 1.93 -3.20 9.43
C ALA A 287 2.98 -3.99 10.21
N TYR A 288 3.64 -4.94 9.55
CA TYR A 288 4.71 -5.69 10.16
C TYR A 288 6.03 -4.92 10.11
N TYR A 289 6.25 -4.08 9.08
CA TYR A 289 7.47 -3.25 8.98
C TYR A 289 7.68 -2.35 10.19
N GLU A 290 6.60 -1.76 10.65
CA GLU A 290 6.64 -0.80 11.75
C GLU A 290 7.38 -1.43 12.94
N LYS A 291 7.19 -2.73 13.12
CA LYS A 291 7.82 -3.50 14.21
C LYS A 291 8.97 -4.36 13.65
N LYS A 292 9.25 -4.16 12.35
CA LYS A 292 10.31 -4.86 11.61
C LYS A 292 10.17 -6.41 11.64
N GLU A 293 8.98 -6.86 11.27
CA GLU A 293 8.67 -8.29 11.17
C GLU A 293 8.37 -8.68 9.71
N ALA A 294 8.80 -9.88 9.32
CA ALA A 294 8.66 -10.33 7.94
C ALA A 294 7.31 -10.98 7.70
N PHE A 295 6.95 -11.92 8.57
CA PHE A 295 5.68 -12.62 8.44
C PHE A 295 5.41 -13.42 9.71
N ALA A 296 4.33 -14.19 9.72
CA ALA A 296 3.98 -15.04 10.85
C ALA A 296 4.05 -16.51 10.46
N LYS A 297 4.78 -17.30 11.25
CA LYS A 297 4.78 -18.75 11.11
C LYS A 297 3.51 -19.31 11.70
N THR A 298 2.77 -20.09 10.91
CA THR A 298 1.62 -20.79 11.46
C THR A 298 1.74 -22.28 11.30
N THR A 299 0.95 -22.99 12.09
CA THR A 299 0.84 -24.44 12.00
C THR A 299 -0.62 -24.78 11.60
N LYS A 300 -0.76 -25.49 10.49
CA LYS A 300 -2.07 -25.88 9.97
C LYS A 300 -2.60 -27.03 10.79
N LEU A 301 -3.89 -26.99 11.12
CA LEU A 301 -4.52 -28.06 11.89
C LEU A 301 -6.03 -27.97 11.80
N THR A 302 -6.71 -29.06 12.16
CA THR A 302 -8.17 -29.16 12.06
C THR A 302 -8.82 -29.02 13.44
N LEU A 303 -9.93 -28.29 13.48
CA LEU A 303 -10.73 -28.14 14.69
C LEU A 303 -12.12 -28.69 14.46
N ASN A 304 -12.77 -29.11 15.55
CA ASN A 304 -14.10 -29.72 15.50
C ASN A 304 -15.11 -29.02 16.39
N ALA A 305 -16.35 -28.96 15.93
CA ALA A 305 -17.46 -28.37 16.68
C ALA A 305 -18.59 -29.39 16.86
N LYS A 306 -19.43 -29.15 17.87
CA LYS A 306 -20.57 -29.99 18.13
C LYS A 306 -21.75 -29.41 17.39
N SER A 307 -22.97 -29.88 17.70
CA SER A 307 -24.18 -29.29 17.14
C SER A 307 -24.63 -28.12 18.01
N ILE A 308 -25.58 -27.31 17.53
CA ILE A 308 -25.99 -26.08 18.26
C ILE A 308 -27.44 -25.62 17.94
N ARG A 309 -28.11 -24.98 18.93
CA ARG A 309 -29.56 -24.69 18.88
C ARG A 309 -30.09 -23.46 19.69
N CYS A 310 -31.28 -22.98 19.31
CA CYS A 310 -32.15 -22.16 20.17
C CYS A 310 -33.19 -23.09 20.87
N HIS B 10 31.38 14.59 -22.13
CA HIS B 10 30.36 15.69 -22.01
C HIS B 10 29.63 15.62 -20.66
N ILE B 11 29.12 14.43 -20.30
CA ILE B 11 28.38 14.24 -19.05
C ILE B 11 29.30 13.85 -17.88
N GLN B 12 29.26 14.63 -16.80
CA GLN B 12 30.21 14.52 -15.71
C GLN B 12 29.54 14.10 -14.42
N LYS B 13 28.63 14.96 -13.95
CA LYS B 13 28.04 14.84 -12.63
C LYS B 13 26.67 14.21 -12.74
N VAL B 14 26.51 13.03 -12.14
CA VAL B 14 25.24 12.33 -12.12
C VAL B 14 24.91 11.98 -10.68
N ALA B 15 23.64 12.13 -10.30
CA ALA B 15 23.18 11.79 -8.95
C ALA B 15 21.95 10.91 -9.00
N ILE B 16 21.74 10.18 -7.92
CA ILE B 16 20.57 9.32 -7.78
C ILE B 16 19.89 9.63 -6.46
N PHE B 17 18.61 10.00 -6.55
CA PHE B 17 17.87 10.42 -5.39
C PHE B 17 16.93 9.32 -4.95
N GLY B 18 16.97 9.03 -3.66
CA GLY B 18 15.98 8.17 -3.05
C GLY B 18 15.35 8.91 -1.89
N GLY B 19 14.17 8.46 -1.50
CA GLY B 19 13.49 8.99 -0.33
C GLY B 19 12.96 10.41 -0.50
N THR B 20 12.66 10.80 -1.73
CA THR B 20 11.96 12.07 -1.97
C THR B 20 10.59 12.05 -1.29
N HIS B 21 9.95 10.88 -1.32
CA HIS B 21 8.84 10.58 -0.41
C HIS B 21 9.24 9.39 0.46
N GLY B 22 9.03 9.55 1.75
CA GLY B 22 9.67 8.66 2.72
C GLY B 22 9.05 7.29 2.86
N ASN B 23 7.85 7.12 2.30
CA ASN B 23 7.20 5.80 2.29
C ASN B 23 7.36 4.99 0.98
N GLU B 24 8.20 5.48 0.06
CA GLU B 24 8.49 4.79 -1.19
C GLU B 24 9.86 4.17 -1.08
N LEU B 25 9.88 2.95 -0.54
CA LEU B 25 11.08 2.33 0.01
C LEU B 25 12.12 1.83 -0.98
N THR B 26 11.71 1.44 -2.19
CA THR B 26 12.67 0.85 -3.14
C THR B 26 13.85 1.79 -3.33
N GLY B 27 13.57 3.08 -3.56
CA GLY B 27 14.63 4.07 -3.70
C GLY B 27 15.49 4.20 -2.44
N VAL B 28 14.83 4.24 -1.28
CA VAL B 28 15.51 4.35 -0.01
C VAL B 28 16.51 3.22 0.17
N PHE B 29 16.07 2.00 -0.12
CA PHE B 29 16.89 0.82 0.11
C PHE B 29 18.06 0.75 -0.84
N LEU B 30 17.80 0.98 -2.12
CA LEU B 30 18.86 0.95 -3.10
C LEU B 30 19.92 1.99 -2.77
N VAL B 31 19.47 3.21 -2.44
CA VAL B 31 20.39 4.31 -2.17
C VAL B 31 21.25 4.02 -0.94
N LYS B 32 20.61 3.60 0.15
CA LYS B 32 21.34 3.24 1.37
C LYS B 32 22.37 2.14 1.11
N HIS B 33 21.99 1.12 0.37
CA HIS B 33 22.89 0.03 -0.01
C HIS B 33 24.09 0.54 -0.83
N TRP B 34 23.83 1.49 -1.72
CA TRP B 34 24.89 2.02 -2.58
C TRP B 34 25.77 3.04 -1.90
N LEU B 35 25.27 3.69 -0.85
CA LEU B 35 26.13 4.58 -0.06
C LEU B 35 27.21 3.77 0.64
N GLU B 36 26.85 2.58 1.13
CA GLU B 36 27.85 1.70 1.74
C GLU B 36 28.69 1.02 0.67
N ASN B 37 28.07 0.55 -0.40
CA ASN B 37 28.85 0.01 -1.53
C ASN B 37 28.22 0.29 -2.89
N GLY B 38 28.72 1.31 -3.58
CA GLY B 38 28.12 1.79 -4.82
C GLY B 38 28.88 1.36 -6.07
N ALA B 39 29.52 0.21 -6.01
CA ALA B 39 30.26 -0.30 -7.17
C ALA B 39 29.30 -0.60 -8.33
N GLU B 40 28.10 -1.05 -7.97
CA GLU B 40 27.07 -1.38 -8.94
C GLU B 40 26.79 -0.23 -9.89
N ILE B 41 26.82 0.99 -9.38
CA ILE B 41 26.41 2.15 -10.14
C ILE B 41 27.59 2.95 -10.66
N GLN B 42 28.80 2.51 -10.35
CA GLN B 42 29.99 3.21 -10.83
C GLN B 42 30.33 2.79 -12.25
N ARG B 43 30.57 3.78 -13.09
CA ARG B 43 30.99 3.58 -14.47
C ARG B 43 32.33 4.28 -14.69
N THR B 44 33.20 3.70 -15.51
CA THR B 44 34.52 4.32 -15.79
C THR B 44 34.35 5.74 -16.36
N GLY B 45 35.16 6.66 -15.87
CA GLY B 45 35.13 8.07 -16.27
C GLY B 45 33.81 8.76 -15.94
N LEU B 46 33.16 8.33 -14.88
CA LEU B 46 31.82 8.81 -14.53
C LEU B 46 31.56 8.77 -13.02
N GLU B 47 31.35 9.94 -12.43
CA GLU B 47 31.13 10.08 -10.98
C GLU B 47 29.63 10.19 -10.67
N VAL B 48 29.10 9.14 -10.04
CA VAL B 48 27.67 8.98 -9.78
C VAL B 48 27.43 8.97 -8.27
N LYS B 49 26.58 9.87 -7.76
CA LYS B 49 26.42 10.03 -6.31
C LYS B 49 25.00 9.71 -5.85
N PRO B 50 24.85 8.63 -5.05
CA PRO B 50 23.56 8.37 -4.41
C PRO B 50 23.33 9.28 -3.21
N PHE B 51 22.05 9.57 -2.93
CA PHE B 51 21.71 10.58 -1.96
C PHE B 51 20.25 10.50 -1.52
N ILE B 52 20.03 10.50 -0.21
CA ILE B 52 18.68 10.52 0.32
C ILE B 52 18.22 11.96 0.42
N THR B 53 17.11 12.25 -0.25
CA THR B 53 16.64 13.63 -0.33
C THR B 53 15.84 14.06 0.90
N ASN B 54 14.96 13.21 1.41
CA ASN B 54 14.13 13.58 2.55
C ASN B 54 14.28 12.60 3.74
N PRO B 55 15.45 12.64 4.41
CA PRO B 55 15.76 11.69 5.49
C PRO B 55 14.77 11.68 6.64
N ARG B 56 14.19 12.85 6.92
CA ARG B 56 13.25 13.00 8.03
C ARG B 56 12.00 12.20 7.76
N ALA B 57 11.50 12.26 6.52
CA ALA B 57 10.26 11.57 6.12
C ALA B 57 10.49 10.08 5.95
N VAL B 58 11.69 9.70 5.56
CA VAL B 58 12.11 8.31 5.56
C VAL B 58 12.09 7.74 6.97
N LYS B 59 12.71 8.45 7.92
CA LYS B 59 12.69 8.02 9.31
C LYS B 59 11.28 7.72 9.84
N LYS B 60 10.31 8.58 9.54
CA LYS B 60 8.94 8.34 9.96
C LYS B 60 8.17 7.38 9.06
N CYS B 61 8.78 6.94 7.96
CA CYS B 61 8.08 6.24 6.88
C CYS B 61 6.75 6.94 6.54
N THR B 62 6.87 8.15 6.01
CA THR B 62 5.74 9.00 5.65
C THR B 62 6.08 9.70 4.34
N ARG B 63 5.06 10.19 3.65
CA ARG B 63 5.25 10.85 2.36
C ARG B 63 6.07 12.14 2.51
N TYR B 64 5.63 13.01 3.43
CA TYR B 64 6.36 14.23 3.75
C TYR B 64 6.08 14.67 5.19
N ILE B 65 6.85 15.62 5.67
CA ILE B 65 6.74 16.15 7.02
C ILE B 65 5.78 17.33 7.07
N ASP B 66 6.13 18.41 6.39
CA ASP B 66 5.31 19.63 6.38
C ASP B 66 4.62 19.79 5.02
N CYS B 67 5.39 19.70 3.93
CA CYS B 67 4.83 19.78 2.58
C CYS B 67 5.60 18.92 1.58
N ASP B 68 4.98 18.58 0.45
CA ASP B 68 5.57 17.66 -0.53
C ASP B 68 6.87 18.21 -1.11
N LEU B 69 7.97 17.50 -0.89
CA LEU B 69 9.28 17.93 -1.34
C LEU B 69 9.38 18.05 -2.85
N ASN B 70 8.58 17.26 -3.55
CA ASN B 70 8.70 17.11 -4.97
C ASN B 70 7.87 18.12 -5.77
N ARG B 71 7.40 19.19 -5.14
CA ARG B 71 6.74 20.24 -5.92
C ARG B 71 7.14 21.67 -5.55
N ILE B 72 8.29 21.82 -4.90
CA ILE B 72 8.69 23.14 -4.40
C ILE B 72 10.06 23.60 -4.88
N PHE B 73 10.63 22.94 -5.89
CA PHE B 73 11.94 23.36 -6.42
C PHE B 73 11.80 24.45 -7.47
N ASP B 74 11.17 25.56 -7.09
CA ASP B 74 10.95 26.70 -7.97
C ASP B 74 11.46 27.97 -7.30
N LEU B 75 11.35 29.10 -8.00
CA LEU B 75 11.86 30.37 -7.50
C LEU B 75 11.09 30.86 -6.28
N GLU B 76 9.79 30.61 -6.27
CA GLU B 76 8.97 31.01 -5.14
C GLU B 76 9.58 30.51 -3.84
N ASN B 77 10.09 29.27 -3.84
CA ASN B 77 10.51 28.58 -2.62
C ASN B 77 12.01 28.52 -2.40
N LEU B 78 12.76 28.31 -3.48
CA LEU B 78 14.22 28.22 -3.39
C LEU B 78 14.87 29.58 -3.20
N GLY B 79 14.12 30.64 -3.40
CA GLY B 79 14.62 32.00 -3.19
C GLY B 79 14.30 32.59 -1.82
N LYS B 80 13.57 31.85 -0.99
CA LYS B 80 13.17 32.36 0.31
C LYS B 80 14.37 32.47 1.21
N LYS B 81 14.25 33.35 2.20
CA LYS B 81 15.33 33.59 3.14
C LYS B 81 15.37 32.42 4.13
N MET B 82 16.51 31.74 4.18
CA MET B 82 16.70 30.62 5.09
C MET B 82 16.35 31.01 6.54
N SER B 83 15.63 30.12 7.22
CA SER B 83 15.28 30.29 8.62
C SER B 83 14.71 28.98 9.17
N GLU B 84 14.73 28.82 10.49
CA GLU B 84 14.21 27.62 11.14
C GLU B 84 12.67 27.62 11.24
N ASP B 85 12.04 28.72 10.80
CA ASP B 85 10.58 28.85 10.80
C ASP B 85 9.97 28.33 9.50
N LEU B 86 10.82 28.05 8.52
CA LEU B 86 10.36 27.49 7.25
C LEU B 86 9.92 26.05 7.43
N PRO B 87 8.96 25.59 6.62
CA PRO B 87 8.63 24.16 6.58
C PRO B 87 9.88 23.31 6.33
N TYR B 88 9.96 22.14 6.94
CA TYR B 88 11.18 21.33 6.89
C TYR B 88 11.65 21.10 5.45
N GLU B 89 10.71 20.72 4.58
CA GLU B 89 11.05 20.41 3.19
C GLU B 89 11.58 21.62 2.40
N VAL B 90 11.15 22.82 2.75
CA VAL B 90 11.66 24.03 2.09
C VAL B 90 13.13 24.24 2.45
N ARG B 91 13.46 24.13 3.73
CA ARG B 91 14.85 24.16 4.18
C ARG B 91 15.66 23.10 3.42
N ARG B 92 15.10 21.90 3.36
CA ARG B 92 15.77 20.77 2.74
C ARG B 92 15.99 20.99 1.25
N ALA B 93 14.94 21.45 0.57
CA ALA B 93 15.01 21.79 -0.86
C ALA B 93 16.18 22.72 -1.15
N GLN B 94 16.36 23.73 -0.30
CA GLN B 94 17.47 24.65 -0.46
C GLN B 94 18.80 23.93 -0.31
N GLU B 95 18.94 23.14 0.76
CA GLU B 95 20.20 22.42 1.02
C GLU B 95 20.60 21.55 -0.16
N ILE B 96 19.59 20.95 -0.80
CA ILE B 96 19.80 20.09 -1.96
C ILE B 96 20.19 20.90 -3.19
N ASN B 97 19.47 22.01 -3.42
CA ASN B 97 19.78 22.90 -4.54
C ASN B 97 21.22 23.41 -4.45
N HIS B 98 21.68 23.65 -3.22
CA HIS B 98 23.05 24.10 -2.99
C HIS B 98 24.06 22.98 -3.20
N LEU B 99 23.66 21.74 -2.97
CA LEU B 99 24.55 20.60 -3.15
C LEU B 99 24.65 20.23 -4.62
N PHE B 100 23.51 19.96 -5.24
CA PHE B 100 23.49 19.39 -6.59
C PHE B 100 23.21 20.41 -7.67
N GLY B 101 22.84 21.63 -7.28
CA GLY B 101 22.54 22.70 -8.22
C GLY B 101 23.68 23.72 -8.25
N PRO B 102 23.34 25.02 -8.23
CA PRO B 102 21.99 25.60 -8.25
C PRO B 102 21.24 25.29 -9.54
N LYS B 103 19.93 25.40 -9.49
CA LYS B 103 19.09 25.12 -10.66
C LYS B 103 19.26 26.23 -11.67
N ASP B 104 19.09 25.90 -12.95
CA ASP B 104 19.29 26.83 -14.08
C ASP B 104 20.73 27.33 -14.22
N SER B 105 21.62 26.79 -13.39
CA SER B 105 23.05 27.09 -13.44
C SER B 105 23.81 26.04 -14.24
N GLU B 106 25.02 26.39 -14.63
CA GLU B 106 25.88 25.52 -15.42
C GLU B 106 26.78 24.71 -14.50
N ASP B 107 26.72 25.00 -13.20
CA ASP B 107 27.44 24.25 -12.19
C ASP B 107 26.56 23.18 -11.58
N SER B 108 25.29 23.15 -11.98
CA SER B 108 24.37 22.09 -11.56
C SER B 108 24.83 20.75 -12.11
N TYR B 109 24.45 19.69 -11.42
CA TYR B 109 24.64 18.35 -11.91
C TYR B 109 24.06 18.24 -13.31
N ASP B 110 24.63 17.35 -14.10
CA ASP B 110 24.19 17.16 -15.47
C ASP B 110 22.91 16.33 -15.49
N ILE B 111 22.93 15.18 -14.81
CA ILE B 111 21.78 14.27 -14.78
C ILE B 111 21.42 13.87 -13.37
N ILE B 112 20.13 13.81 -13.06
CA ILE B 112 19.67 13.32 -11.77
C ILE B 112 18.52 12.35 -11.99
N PHE B 113 18.64 11.18 -11.36
CA PHE B 113 17.57 10.21 -11.36
C PHE B 113 16.89 10.33 -10.03
N ASP B 114 15.57 10.53 -10.06
CA ASP B 114 14.79 10.57 -8.83
C ASP B 114 13.90 9.34 -8.82
N LEU B 115 14.05 8.53 -7.78
CA LEU B 115 13.39 7.22 -7.71
C LEU B 115 12.08 7.27 -6.94
N HIS B 116 11.09 6.55 -7.44
CA HIS B 116 9.73 6.62 -6.91
C HIS B 116 9.04 5.27 -7.01
N ASN B 117 8.03 5.10 -6.17
CA ASN B 117 7.14 3.95 -6.21
C ASN B 117 5.70 4.44 -6.24
N THR B 118 4.84 3.66 -6.88
CA THR B 118 3.41 3.92 -6.85
C THR B 118 2.65 2.63 -6.55
N THR B 119 1.44 2.76 -6.03
CA THR B 119 0.57 1.62 -5.80
C THR B 119 -0.12 1.22 -7.10
N SER B 120 -0.03 2.08 -8.09
CA SER B 120 -0.72 1.85 -9.35
C SER B 120 0.04 0.82 -10.16
N ASN B 121 -0.71 -0.03 -10.85
CA ASN B 121 -0.13 -1.13 -11.63
C ASN B 121 0.49 -0.67 -12.94
N MET B 122 1.64 -0.01 -12.83
CA MET B 122 2.27 0.70 -13.97
C MET B 122 3.59 0.14 -14.47
N GLY B 123 4.21 -0.73 -13.66
CA GLY B 123 5.50 -1.30 -14.00
C GLY B 123 6.56 -0.23 -14.16
N CYS B 124 7.55 -0.53 -15.00
CA CYS B 124 8.67 0.37 -15.21
C CYS B 124 8.23 1.60 -15.96
N THR B 125 8.37 2.75 -15.33
CA THR B 125 7.92 4.02 -15.89
C THR B 125 9.03 5.06 -15.87
N LEU B 126 9.24 5.69 -17.01
CA LEU B 126 10.18 6.80 -17.13
C LEU B 126 9.37 8.07 -17.28
N ILE B 127 9.86 9.14 -16.70
CA ILE B 127 9.14 10.39 -16.66
C ILE B 127 9.94 11.47 -17.37
N LEU B 128 9.30 12.05 -18.39
CA LEU B 128 9.93 12.99 -19.29
C LEU B 128 9.32 14.38 -19.10
N GLU B 129 10.16 15.37 -18.84
CA GLU B 129 9.69 16.73 -18.58
C GLU B 129 9.72 17.64 -19.83
N ASP B 130 10.59 17.32 -20.79
CA ASP B 130 10.70 18.09 -22.03
C ASP B 130 10.58 17.18 -23.25
N SER B 131 9.56 17.41 -24.07
CA SER B 131 9.29 16.56 -25.24
C SER B 131 10.26 16.79 -26.39
N ARG B 132 10.93 17.93 -26.40
CA ARG B 132 11.85 18.27 -27.48
C ARG B 132 13.30 17.95 -27.15
N ASN B 133 13.53 17.26 -26.04
CA ASN B 133 14.89 16.89 -25.63
C ASN B 133 15.38 15.62 -26.31
N ASN B 134 16.36 15.76 -27.19
CA ASN B 134 16.89 14.61 -27.91
C ASN B 134 17.66 13.67 -27.01
N PHE B 135 18.47 14.23 -26.10
CA PHE B 135 19.31 13.41 -25.24
C PHE B 135 18.48 12.43 -24.42
N LEU B 136 17.43 12.94 -23.80
CA LEU B 136 16.62 12.12 -22.91
C LEU B 136 15.84 11.07 -23.68
N ILE B 137 15.24 11.49 -24.78
CA ILE B 137 14.50 10.56 -25.62
C ILE B 137 15.39 9.39 -26.01
N GLN B 138 16.60 9.69 -26.45
CA GLN B 138 17.55 8.65 -26.82
C GLN B 138 17.87 7.72 -25.65
N MET B 139 18.04 8.29 -24.46
CA MET B 139 18.27 7.47 -23.28
C MET B 139 17.08 6.58 -23.06
N PHE B 140 15.90 7.20 -23.03
CA PHE B 140 14.67 6.49 -22.76
C PHE B 140 14.46 5.38 -23.80
N HIS B 141 14.86 5.66 -25.05
CA HIS B 141 14.75 4.63 -26.06
C HIS B 141 15.66 3.47 -25.70
N TYR B 142 16.92 3.76 -25.42
CA TYR B 142 17.87 2.73 -25.05
C TYR B 142 17.34 1.85 -23.94
N ILE B 143 16.85 2.48 -22.88
CA ILE B 143 16.38 1.75 -21.70
C ILE B 143 15.23 0.87 -22.09
N LYS B 144 14.23 1.47 -22.71
CA LYS B 144 13.04 0.77 -23.21
C LYS B 144 13.44 -0.49 -23.97
N THR B 145 14.27 -0.29 -24.97
CA THR B 145 14.76 -1.36 -25.81
C THR B 145 15.49 -2.41 -25.02
N SER B 146 16.38 -1.98 -24.14
CA SER B 146 17.22 -2.90 -23.39
C SER B 146 16.42 -3.77 -22.43
N LEU B 147 15.29 -3.25 -21.95
CA LEU B 147 14.45 -3.98 -21.01
C LEU B 147 13.59 -5.02 -21.69
N ALA B 148 13.23 -4.77 -22.96
CA ALA B 148 12.37 -5.69 -23.74
C ALA B 148 12.78 -7.15 -23.54
N PRO B 149 11.79 -8.05 -23.43
CA PRO B 149 10.35 -7.89 -23.61
C PRO B 149 9.60 -7.38 -22.34
N LEU B 150 10.35 -7.03 -21.29
CA LEU B 150 9.79 -6.36 -20.13
C LEU B 150 9.30 -4.99 -20.57
N PRO B 151 8.01 -4.71 -20.33
CA PRO B 151 7.50 -3.44 -20.81
C PRO B 151 8.04 -2.27 -19.98
N CYS B 152 8.21 -1.13 -20.65
CA CYS B 152 8.69 0.10 -20.04
C CYS B 152 7.98 1.26 -20.71
N TYR B 153 7.28 2.08 -19.92
CA TYR B 153 6.47 3.14 -20.47
C TYR B 153 7.06 4.51 -20.20
N VAL B 154 6.68 5.47 -21.02
CA VAL B 154 7.13 6.83 -20.86
C VAL B 154 5.94 7.76 -20.70
N TYR B 155 6.03 8.63 -19.71
CA TYR B 155 4.95 9.49 -19.29
C TYR B 155 5.46 10.92 -19.42
N LEU B 156 4.78 11.71 -20.25
CA LEU B 156 5.21 13.08 -20.53
C LEU B 156 4.40 14.08 -19.73
N ILE B 157 5.07 14.91 -18.94
CA ILE B 157 4.39 15.87 -18.07
C ILE B 157 4.49 17.31 -18.61
N GLU B 158 5.01 17.49 -19.81
CA GLU B 158 4.91 18.78 -20.49
C GLU B 158 3.46 19.25 -20.54
N HIS B 159 3.28 20.51 -20.16
CA HIS B 159 1.98 21.14 -20.17
C HIS B 159 2.23 22.63 -19.92
N PRO B 160 1.63 23.50 -20.76
CA PRO B 160 1.63 24.93 -20.49
C PRO B 160 0.59 25.27 -19.41
N SER B 161 1.01 25.24 -18.14
CA SER B 161 0.15 25.55 -16.96
C SER B 161 0.17 24.48 -15.87
N LEU B 162 0.53 23.25 -16.22
CA LEU B 162 0.66 22.15 -15.28
C LEU B 162 2.18 21.93 -15.15
N LYS B 163 2.61 20.71 -14.82
CA LYS B 163 4.04 20.37 -14.69
C LYS B 163 4.60 21.00 -13.41
N TYR B 164 5.30 20.21 -12.61
CA TYR B 164 5.75 20.72 -11.32
C TYR B 164 7.28 20.86 -11.15
N ALA B 165 7.62 21.64 -10.13
CA ALA B 165 8.98 21.95 -9.77
C ALA B 165 9.55 20.81 -8.93
N THR B 166 9.98 19.76 -9.63
CA THR B 166 10.39 18.51 -9.01
C THR B 166 11.81 18.56 -8.48
N THR B 167 12.14 17.60 -7.62
CA THR B 167 13.48 17.47 -7.05
C THR B 167 14.53 17.36 -8.12
N ARG B 168 14.31 16.43 -9.05
CA ARG B 168 15.26 16.19 -10.13
C ARG B 168 15.43 17.38 -11.07
N SER B 169 14.46 18.30 -11.07
CA SER B 169 14.44 19.39 -12.05
C SER B 169 15.66 20.30 -11.98
N ILE B 170 16.44 20.18 -10.90
CA ILE B 170 17.70 20.89 -10.74
C ILE B 170 18.68 20.60 -11.87
N ALA B 171 18.63 19.39 -12.42
CA ALA B 171 19.59 18.97 -13.43
C ALA B 171 19.36 19.60 -14.80
N LYS B 172 20.39 19.57 -15.64
CA LYS B 172 20.24 19.88 -17.06
C LYS B 172 19.23 18.89 -17.63
N TYR B 173 19.42 17.62 -17.28
CA TYR B 173 18.58 16.52 -17.72
C TYR B 173 17.95 15.80 -16.52
N PRO B 174 16.73 16.21 -16.13
CA PRO B 174 16.04 15.53 -15.05
C PRO B 174 15.37 14.25 -15.51
N VAL B 175 15.66 13.13 -14.85
CA VAL B 175 15.04 11.85 -15.16
C VAL B 175 14.26 11.32 -13.98
N GLY B 176 12.99 10.98 -14.22
CA GLY B 176 12.14 10.41 -13.19
C GLY B 176 11.97 8.93 -13.44
N ILE B 177 11.98 8.17 -12.35
CA ILE B 177 11.85 6.71 -12.40
C ILE B 177 10.78 6.24 -11.41
N GLU B 178 9.82 5.47 -11.90
CA GLU B 178 8.66 5.09 -11.11
C GLU B 178 8.31 3.64 -11.41
N VAL B 179 8.13 2.86 -10.36
CA VAL B 179 7.85 1.43 -10.51
C VAL B 179 6.69 1.07 -9.60
N GLY B 180 5.65 0.50 -10.20
CA GLY B 180 4.54 -0.04 -9.42
C GLY B 180 4.13 -1.40 -9.98
N PRO B 181 3.19 -2.08 -9.31
CA PRO B 181 2.52 -1.65 -8.08
C PRO B 181 3.21 -2.13 -6.81
N GLN B 182 3.45 -1.20 -5.89
CA GLN B 182 3.97 -1.52 -4.55
C GLN B 182 3.22 -0.69 -3.54
N PRO B 183 2.75 -1.31 -2.45
CA PRO B 183 2.17 -0.50 -1.38
C PRO B 183 3.20 0.43 -0.74
N GLN B 184 2.70 1.48 -0.10
CA GLN B 184 3.57 2.38 0.64
C GLN B 184 4.02 1.64 1.88
N GLY B 185 5.27 1.89 2.28
CA GLY B 185 5.84 1.27 3.48
C GLY B 185 6.06 -0.23 3.34
N VAL B 186 6.27 -0.65 2.09
CA VAL B 186 6.45 -2.05 1.74
C VAL B 186 7.53 -2.15 0.69
N LEU B 187 8.42 -3.12 0.88
CA LEU B 187 9.54 -3.34 0.01
C LEU B 187 9.46 -4.72 -0.64
N ARG B 188 9.05 -4.72 -1.91
CA ARG B 188 8.94 -5.94 -2.68
C ARG B 188 10.20 -6.13 -3.49
N ALA B 189 10.61 -7.39 -3.61
CA ALA B 189 11.84 -7.76 -4.32
C ALA B 189 11.73 -7.53 -5.83
N ASP B 190 10.68 -8.05 -6.45
CA ASP B 190 10.50 -7.90 -7.90
C ASP B 190 10.56 -6.44 -8.37
N ILE B 191 9.90 -5.56 -7.61
CA ILE B 191 9.86 -4.13 -7.92
C ILE B 191 11.25 -3.54 -7.81
N LEU B 192 11.94 -3.91 -6.74
CA LEU B 192 13.32 -3.54 -6.55
C LEU B 192 14.19 -3.99 -7.74
N ASP B 193 14.08 -5.25 -8.10
CA ASP B 193 14.85 -5.77 -9.22
C ASP B 193 14.60 -4.99 -10.53
N GLN B 194 13.33 -4.65 -10.79
CA GLN B 194 12.95 -3.87 -11.96
C GLN B 194 13.59 -2.48 -12.00
N MET B 195 13.63 -1.80 -10.85
CA MET B 195 14.26 -0.48 -10.75
C MET B 195 15.78 -0.56 -10.94
N ARG B 196 16.40 -1.60 -10.37
CA ARG B 196 17.83 -1.86 -10.58
C ARG B 196 18.19 -1.94 -12.05
N LYS B 197 17.42 -2.74 -12.80
CA LYS B 197 17.66 -2.95 -14.23
C LYS B 197 17.47 -1.65 -15.00
N MET B 198 16.45 -0.88 -14.64
CA MET B 198 16.21 0.44 -15.21
C MET B 198 17.44 1.31 -15.05
N ILE B 199 18.01 1.31 -13.86
CA ILE B 199 19.18 2.13 -13.59
C ILE B 199 20.35 1.66 -14.44
N LYS B 200 20.66 0.37 -14.38
CA LYS B 200 21.90 -0.13 -15.00
C LYS B 200 21.96 0.26 -16.47
N HIS B 201 20.83 0.15 -17.15
CA HIS B 201 20.76 0.54 -18.56
C HIS B 201 20.86 2.04 -18.76
N ALA B 202 20.29 2.81 -17.84
CA ALA B 202 20.40 4.27 -17.89
C ALA B 202 21.84 4.71 -17.75
N LEU B 203 22.59 4.04 -16.86
CA LEU B 203 24.01 4.35 -16.68
C LEU B 203 24.81 3.84 -17.85
N ASP B 204 24.50 2.63 -18.31
CA ASP B 204 25.14 2.06 -19.50
C ASP B 204 25.03 3.02 -20.67
N PHE B 205 23.85 3.60 -20.86
CA PHE B 205 23.64 4.57 -21.93
C PHE B 205 24.56 5.78 -21.83
N ILE B 206 24.67 6.33 -20.63
CA ILE B 206 25.53 7.49 -20.39
C ILE B 206 26.99 7.15 -20.70
N HIS B 207 27.44 5.99 -20.24
CA HIS B 207 28.79 5.52 -20.51
C HIS B 207 29.04 5.35 -22.01
N HIS B 208 28.15 4.62 -22.69
CA HIS B 208 28.18 4.45 -24.15
C HIS B 208 28.29 5.80 -24.85
N PHE B 209 27.60 6.81 -24.30
CA PHE B 209 27.58 8.15 -24.87
C PHE B 209 28.89 8.89 -24.64
N ASN B 210 29.44 8.76 -23.44
CA ASN B 210 30.72 9.38 -23.08
C ASN B 210 31.93 8.69 -23.74
N GLU B 211 31.76 7.44 -24.17
CA GLU B 211 32.75 6.79 -25.03
C GLU B 211 32.49 7.16 -26.49
N GLY B 212 31.61 8.13 -26.70
CA GLY B 212 31.39 8.75 -28.01
C GLY B 212 30.63 7.90 -29.02
N LYS B 213 29.78 6.98 -28.55
CA LYS B 213 28.94 6.20 -29.45
C LYS B 213 27.95 7.14 -30.13
N GLU B 214 27.65 6.83 -31.40
CA GLU B 214 26.70 7.64 -32.17
C GLU B 214 25.38 6.88 -32.23
N PHE B 215 24.31 7.55 -31.81
CA PHE B 215 22.98 6.96 -31.82
C PHE B 215 22.24 7.48 -33.04
N PRO B 216 21.61 6.56 -33.80
CA PRO B 216 20.79 6.99 -34.93
C PRO B 216 19.51 7.63 -34.43
N PRO B 217 18.81 8.36 -35.31
CA PRO B 217 17.52 8.88 -34.88
C PRO B 217 16.62 7.74 -34.41
N CYS B 218 15.66 8.07 -33.56
CA CYS B 218 14.72 7.08 -33.04
C CYS B 218 13.38 7.70 -32.74
N ALA B 219 12.40 6.84 -32.46
CA ALA B 219 11.06 7.25 -32.13
C ALA B 219 10.54 6.40 -30.97
N ILE B 220 9.77 7.04 -30.09
CA ILE B 220 9.18 6.37 -28.92
C ILE B 220 7.76 6.84 -28.65
N GLU B 221 6.91 5.92 -28.19
CA GLU B 221 5.57 6.30 -27.76
C GLU B 221 5.66 6.85 -26.34
N VAL B 222 5.08 8.02 -26.13
CA VAL B 222 4.95 8.60 -24.80
C VAL B 222 3.47 8.77 -24.50
N TYR B 223 3.16 9.07 -23.25
CA TYR B 223 1.79 9.32 -22.85
C TYR B 223 1.75 10.70 -22.23
N LYS B 224 1.01 11.60 -22.90
CA LYS B 224 1.00 13.00 -22.52
C LYS B 224 -0.19 13.23 -21.61
N ILE B 225 0.09 13.73 -20.40
CA ILE B 225 -0.96 14.09 -19.48
C ILE B 225 -1.80 15.20 -20.09
N ILE B 226 -3.11 15.08 -19.93
CA ILE B 226 -4.04 16.12 -20.35
C ILE B 226 -4.88 16.65 -19.18
N GLU B 227 -5.36 15.74 -18.32
CA GLU B 227 -6.29 16.06 -17.26
C GLU B 227 -6.14 15.07 -16.10
N LYS B 228 -6.45 15.48 -14.87
CA LYS B 228 -6.59 14.55 -13.75
C LYS B 228 -8.06 14.43 -13.40
N VAL B 229 -8.55 13.20 -13.29
CA VAL B 229 -9.97 12.93 -13.03
C VAL B 229 -10.25 12.81 -11.54
N ASP B 230 -11.27 13.53 -11.07
CA ASP B 230 -11.67 13.47 -9.67
C ASP B 230 -12.61 12.31 -9.47
N TYR B 231 -12.62 11.76 -8.26
CA TYR B 231 -13.67 10.82 -7.85
C TYR B 231 -14.97 11.60 -7.77
N PRO B 232 -16.08 10.97 -8.18
CA PRO B 232 -17.35 11.65 -7.93
C PRO B 232 -17.57 11.78 -6.44
N ARG B 233 -18.13 12.91 -6.01
CA ARG B 233 -18.27 13.20 -4.59
C ARG B 233 -19.72 13.17 -4.12
N ASP B 234 -19.94 13.54 -2.87
CA ASP B 234 -21.31 13.77 -2.36
C ASP B 234 -21.51 15.19 -1.83
N GLU B 235 -22.72 15.50 -1.37
CA GLU B 235 -23.07 16.87 -0.95
C GLU B 235 -22.24 17.33 0.24
N ASN B 236 -21.64 16.38 0.94
CA ASN B 236 -20.68 16.69 1.99
C ASN B 236 -19.27 16.87 1.43
N GLY B 237 -19.00 16.25 0.28
CA GLY B 237 -17.71 16.37 -0.40
C GLY B 237 -16.86 15.12 -0.29
N GLU B 238 -17.40 14.06 0.32
CA GLU B 238 -16.71 12.78 0.44
C GLU B 238 -16.86 11.94 -0.82
N ILE B 239 -15.92 11.04 -1.06
CA ILE B 239 -15.91 10.19 -2.26
C ILE B 239 -17.14 9.29 -2.34
N ALA B 240 -17.68 9.13 -3.54
CA ALA B 240 -18.98 8.47 -3.74
C ALA B 240 -18.90 7.18 -4.55
N ALA B 241 -17.85 7.02 -5.34
CA ALA B 241 -17.65 5.80 -6.14
C ALA B 241 -16.18 5.44 -6.19
N ILE B 242 -15.90 4.26 -6.74
CA ILE B 242 -14.56 3.70 -6.72
C ILE B 242 -14.20 3.13 -8.09
N ILE B 243 -12.91 3.06 -8.37
CA ILE B 243 -12.44 2.54 -9.64
C ILE B 243 -13.12 1.21 -9.97
N HIS B 244 -13.82 1.20 -11.11
CA HIS B 244 -14.55 0.04 -11.58
C HIS B 244 -13.61 -1.14 -11.82
N PRO B 245 -14.03 -2.36 -11.45
CA PRO B 245 -13.21 -3.57 -11.54
C PRO B 245 -12.44 -3.72 -12.84
N ASN B 246 -13.06 -3.31 -13.95
CA ASN B 246 -12.46 -3.42 -15.27
C ASN B 246 -11.43 -2.37 -15.55
N LEU B 247 -11.37 -1.35 -14.73
CA LEU B 247 -10.35 -0.32 -14.85
C LEU B 247 -9.19 -0.56 -13.88
N GLN B 248 -9.49 -1.20 -12.74
CA GLN B 248 -8.48 -1.60 -11.77
C GLN B 248 -7.31 -2.27 -12.43
N ASP B 249 -6.10 -1.78 -12.17
CA ASP B 249 -4.86 -2.39 -12.66
C ASP B 249 -4.66 -2.32 -14.19
N GLN B 250 -5.51 -1.57 -14.89
CA GLN B 250 -5.41 -1.50 -16.35
C GLN B 250 -4.79 -0.19 -16.79
N ASP B 251 -3.69 0.17 -16.13
CA ASP B 251 -2.96 1.39 -16.47
C ASP B 251 -2.41 1.23 -17.88
N TRP B 252 -2.29 2.34 -18.59
CA TRP B 252 -1.71 2.38 -19.95
C TRP B 252 -2.61 1.81 -21.05
N LYS B 253 -3.62 1.03 -20.69
CA LYS B 253 -4.46 0.39 -21.69
C LYS B 253 -5.61 1.33 -22.09
N PRO B 254 -6.06 1.22 -23.36
CA PRO B 254 -6.98 2.20 -23.91
C PRO B 254 -8.37 2.10 -23.33
N LEU B 255 -8.99 3.25 -23.06
CA LEU B 255 -10.33 3.32 -22.48
C LEU B 255 -11.23 4.20 -23.35
N HIS B 256 -12.30 3.60 -23.88
CA HIS B 256 -13.18 4.26 -24.86
C HIS B 256 -14.41 4.81 -24.17
N PRO B 257 -14.96 5.93 -24.65
CA PRO B 257 -16.12 6.63 -24.07
C PRO B 257 -17.28 5.77 -23.56
N GLY B 258 -17.51 4.62 -24.19
CA GLY B 258 -18.51 3.68 -23.69
C GLY B 258 -18.14 3.08 -22.34
N ASP B 259 -16.87 2.73 -22.20
CA ASP B 259 -16.35 1.85 -21.15
C ASP B 259 -16.59 2.32 -19.69
N PRO B 260 -16.68 1.35 -18.75
CA PRO B 260 -16.94 1.61 -17.34
C PRO B 260 -15.76 2.25 -16.64
N MET B 261 -16.04 3.19 -15.74
CA MET B 261 -15.01 4.01 -15.11
C MET B 261 -15.06 3.84 -13.60
N PHE B 262 -16.21 4.19 -13.01
CA PHE B 262 -16.41 4.10 -11.58
C PHE B 262 -17.52 3.09 -11.24
N LEU B 263 -17.77 2.94 -9.94
CA LEU B 263 -18.81 2.07 -9.45
C LEU B 263 -19.25 2.54 -8.06
N THR B 264 -20.55 2.75 -7.87
CA THR B 264 -21.11 3.11 -6.56
C THR B 264 -21.33 1.85 -5.76
N LEU B 265 -21.53 2.00 -4.45
CA LEU B 265 -21.75 0.83 -3.59
C LEU B 265 -23.08 0.15 -3.87
N ASP B 266 -23.88 0.70 -4.77
CA ASP B 266 -25.15 0.08 -5.12
C ASP B 266 -25.10 -1.23 -5.93
N GLY B 267 -24.45 -1.30 -7.11
CA GLY B 267 -23.60 -0.27 -7.66
C GLY B 267 -23.87 -0.07 -9.14
N LYS B 268 -24.50 1.05 -9.45
CA LYS B 268 -24.58 1.54 -10.81
C LYS B 268 -23.17 1.92 -11.26
N THR B 269 -22.90 1.65 -12.54
CA THR B 269 -21.65 2.01 -13.20
C THR B 269 -21.72 3.42 -13.76
N ILE B 270 -20.59 4.12 -13.77
CA ILE B 270 -20.48 5.44 -14.36
C ILE B 270 -19.48 5.33 -15.51
N PRO B 271 -19.93 5.49 -16.76
CA PRO B 271 -19.01 5.22 -17.86
C PRO B 271 -18.19 6.46 -18.20
N LEU B 272 -17.27 6.31 -19.17
CA LEU B 272 -16.24 7.32 -19.41
C LEU B 272 -16.78 8.70 -19.86
N GLY B 273 -17.47 8.73 -21.01
CA GLY B 273 -17.93 10.00 -21.56
C GLY B 273 -16.81 10.82 -22.19
N GLY B 274 -17.17 11.85 -22.96
CA GLY B 274 -16.26 12.49 -23.91
C GLY B 274 -16.41 11.80 -25.26
N ASP B 275 -15.58 12.18 -26.23
CA ASP B 275 -15.72 11.69 -27.61
C ASP B 275 -14.48 10.97 -28.17
N CYS B 276 -13.49 10.68 -27.33
CA CYS B 276 -12.25 10.03 -27.78
C CYS B 276 -11.67 9.03 -26.79
N THR B 277 -10.83 8.13 -27.30
CA THR B 277 -10.12 7.15 -26.49
C THR B 277 -9.09 7.87 -25.63
N VAL B 278 -8.98 7.47 -24.37
CA VAL B 278 -7.90 7.94 -23.49
C VAL B 278 -7.17 6.79 -22.84
N TYR B 279 -5.97 7.10 -22.35
CA TYR B 279 -5.12 6.14 -21.66
C TYR B 279 -4.98 6.59 -20.21
N PRO B 280 -5.56 5.83 -19.28
CA PRO B 280 -5.47 6.18 -17.87
C PRO B 280 -4.16 5.71 -17.27
N VAL B 281 -3.57 6.54 -16.43
CA VAL B 281 -2.39 6.18 -15.68
C VAL B 281 -2.57 6.61 -14.25
N PHE B 282 -1.74 6.08 -13.37
CA PHE B 282 -1.87 6.28 -11.93
C PHE B 282 -3.28 5.93 -11.47
N VAL B 283 -3.79 4.81 -11.97
CA VAL B 283 -5.13 4.33 -11.61
C VAL B 283 -5.14 3.96 -10.14
N ASN B 284 -6.08 4.52 -9.39
CA ASN B 284 -6.24 4.24 -7.95
C ASN B 284 -4.93 4.40 -7.16
N ALA B 285 -4.14 5.38 -7.56
CA ALA B 285 -2.90 5.66 -6.85
C ALA B 285 -3.26 6.19 -5.48
N ALA B 286 -2.49 5.79 -4.48
CA ALA B 286 -2.72 6.20 -3.11
C ALA B 286 -2.50 7.69 -2.94
N ALA B 287 -1.44 8.19 -3.58
CA ALA B 287 -1.10 9.63 -3.51
C ALA B 287 -2.14 10.52 -4.18
N TYR B 288 -3.03 9.91 -4.97
CA TYR B 288 -4.13 10.64 -5.59
C TYR B 288 -5.30 10.82 -4.63
N TYR B 289 -5.52 9.88 -3.71
CA TYR B 289 -6.60 9.99 -2.71
C TYR B 289 -6.51 11.24 -1.85
N GLU B 290 -5.30 11.57 -1.45
CA GLU B 290 -5.07 12.74 -0.58
C GLU B 290 -5.71 13.98 -1.18
N LYS B 291 -5.68 14.08 -2.52
CA LYS B 291 -6.26 15.20 -3.26
C LYS B 291 -7.60 14.78 -3.89
N LYS B 292 -8.05 13.56 -3.57
CA LYS B 292 -9.28 12.92 -4.08
C LYS B 292 -9.36 12.84 -5.60
N GLU B 293 -8.32 12.30 -6.20
CA GLU B 293 -8.26 12.09 -7.64
C GLU B 293 -8.23 10.59 -7.97
N ALA B 294 -8.90 10.23 -9.06
CA ALA B 294 -9.04 8.84 -9.45
C ALA B 294 -7.86 8.37 -10.26
N PHE B 295 -7.52 9.13 -11.30
CA PHE B 295 -6.41 8.77 -12.16
C PHE B 295 -6.08 9.94 -13.08
N ALA B 296 -5.13 9.73 -13.99
CA ALA B 296 -4.76 10.75 -14.98
C ALA B 296 -5.12 10.30 -16.39
N LYS B 297 -5.83 11.17 -17.11
CA LYS B 297 -6.07 10.97 -18.54
C LYS B 297 -4.79 11.31 -19.31
N THR B 298 -4.31 10.38 -20.14
CA THR B 298 -3.22 10.71 -21.03
C THR B 298 -3.59 10.50 -22.47
N THR B 299 -2.79 11.11 -23.34
CA THR B 299 -2.88 10.90 -24.78
C THR B 299 -1.61 10.23 -25.21
N LYS B 300 -1.76 9.08 -25.88
CA LYS B 300 -0.62 8.37 -26.45
C LYS B 300 -0.17 9.05 -27.74
N LEU B 301 1.14 9.15 -27.93
CA LEU B 301 1.69 9.75 -29.14
C LEU B 301 3.17 9.41 -29.26
N THR B 302 3.72 9.61 -30.45
CA THR B 302 5.11 9.28 -30.74
C THR B 302 5.97 10.54 -30.81
N LEU B 303 7.17 10.44 -30.26
CA LEU B 303 8.16 11.52 -30.33
C LEU B 303 9.40 11.03 -31.07
N ASN B 304 10.14 11.97 -31.65
CA ASN B 304 11.34 11.68 -32.42
C ASN B 304 12.56 12.41 -31.90
N ALA B 305 13.71 11.75 -32.02
CA ALA B 305 15.00 12.35 -31.68
C ALA B 305 15.96 12.31 -32.87
N LYS B 306 16.96 13.17 -32.84
CA LYS B 306 17.98 13.18 -33.87
C LYS B 306 19.12 12.27 -33.43
N SER B 307 20.26 12.35 -34.10
CA SER B 307 21.45 11.63 -33.66
C SER B 307 22.22 12.46 -32.62
N ILE B 308 23.20 11.86 -31.95
CA ILE B 308 23.92 12.55 -30.86
C ILE B 308 25.36 12.01 -30.59
N ARG B 309 26.27 12.84 -30.04
CA ARG B 309 27.67 12.40 -29.86
C ARG B 309 28.58 13.20 -28.83
N CYS B 310 29.56 12.49 -28.25
CA CYS B 310 30.96 12.98 -27.94
C CYS B 310 31.59 12.72 -26.54
CAA AS9 C . -3.26 -5.23 8.80
PAM AS9 C . -4.04 -5.23 10.44
OAG AS9 C . -3.56 -4.08 11.22
OAD AS9 C . -5.63 -5.14 10.39
N AS9 C . -3.63 -6.74 11.23
CA AS9 C . -2.87 -6.81 12.46
C AS9 C . -1.37 -6.87 12.17
OXT AS9 C . -0.54 -6.32 12.93
O AS9 C . -0.99 -7.47 11.13
CB AS9 C . -3.41 -8.02 13.22
CG AS9 C . -4.90 -7.84 13.45
OD2 AS9 C . -5.46 -6.78 13.08
OD1 AS9 C . -5.56 -8.76 14.00
ZN ZN D . -6.26 -3.67 10.61
CAA AS9 E . 2.97 8.66 -6.91
PAM AS9 E . 4.27 9.92 -6.78
OAG AS9 E . 4.33 10.42 -5.40
OAD AS9 E . 5.70 9.26 -7.13
N AS9 E . 3.91 11.25 -7.87
CA AS9 E . 4.74 12.45 -7.88
C AS9 E . 4.04 13.63 -7.25
OXT AS9 E . 4.68 14.35 -6.46
O AS9 E . 2.83 13.82 -7.55
CB AS9 E . 5.19 12.77 -9.31
CG AS9 E . 6.60 12.31 -9.62
OD2 AS9 E . 7.04 11.27 -9.08
OD1 AS9 E . 7.31 13.00 -10.39
ZN ZN F . 6.71 9.59 -5.44
#